data_1YXW
#
_entry.id   1YXW
#
_cell.length_a   66.757
_cell.length_b   79.183
_cell.length_c   90.265
_cell.angle_alpha   90.00
_cell.angle_beta   90.00
_cell.angle_gamma   90.00
#
_symmetry.space_group_name_H-M   'P 21 21 21'
#
loop_
_entity.id
_entity.type
_entity.pdbx_description
1 polymer 'Tetanus toxin (Tentoxylysin)'
2 non-polymer TYROSINE
3 non-polymer 'GLUTAMIC ACID'
4 non-polymer TRYPTOPHAN
5 water water
#
_entity_poly.entity_id   1
_entity_poly.type   'polypeptide(L)'
_entity_poly.pdbx_seq_one_letter_code
;EDIDVILKKSTILNLDINNDIISDISGFNSSVITYPDAQLVPGINGKAIHLVNNESSEVIVHKAMDIEYNDMFNNFTVSF
WLRVPKVSASHLEQYGTNEYSIISSMKKHSLSIGSGWSVSLKGNNLIWTLKDSAGEVRQITFRDLPDKFNAYLANKWVFI
TITNDRLSSANLYINGVLMGSAEITGLGAIREDNNITLKLDRCNNNNQYVSIDKFRIFCKALNPKEIEKLYTSYLSITFL
RDFWGNPLRYDTEYYLIPVASSSKDVQLKNITDYMYLTNAPSYTNGKLNIYYRRLYNGLKFIIKRYTPNNEIDSFVKSGD
FIKLYVSYNNNEHIVGYPKDGNAFNNLDRILRVGYNAPGIPLYKKMEAVKLRDLKTYSVQLKLYDDKNASLGLVGTHNGQ
IGNDPNRDILIASNWYFNHLKDKILGCDWYFVPTDEGWTND
;
_entity_poly.pdbx_strand_id   A
#
# COMPACT_ATOMS: atom_id res chain seq x y z
N GLU A 1 -6.96 7.25 29.60
CA GLU A 1 -6.76 5.77 29.78
C GLU A 1 -5.69 5.22 28.83
N ASP A 2 -5.77 3.93 28.58
CA ASP A 2 -4.84 3.23 27.70
C ASP A 2 -5.35 3.30 26.25
N ILE A 3 -4.50 3.75 25.34
CA ILE A 3 -4.91 3.89 23.93
C ILE A 3 -5.43 2.60 23.33
N ASP A 4 -4.70 1.51 23.50
CA ASP A 4 -5.13 0.23 22.96
C ASP A 4 -6.49 -0.15 23.54
N VAL A 5 -6.72 0.16 24.81
CA VAL A 5 -7.98 -0.19 25.45
C VAL A 5 -9.12 0.65 24.86
N ILE A 6 -8.83 1.92 24.64
CA ILE A 6 -9.80 2.86 24.07
C ILE A 6 -10.21 2.41 22.67
N LEU A 7 -9.21 2.09 21.84
CA LEU A 7 -9.46 1.63 20.48
C LEU A 7 -10.34 0.39 20.48
N LYS A 8 -10.08 -0.50 21.44
CA LYS A 8 -10.82 -1.74 21.56
C LYS A 8 -12.25 -1.52 22.06
N LYS A 9 -12.39 -0.78 23.15
CA LYS A 9 -13.71 -0.51 23.73
C LYS A 9 -14.62 0.37 22.88
N SER A 10 -14.02 1.23 22.06
CA SER A 10 -14.79 2.14 21.21
C SER A 10 -15.26 1.49 19.91
N THR A 11 -14.82 0.27 19.65
CA THR A 11 -15.20 -0.41 18.41
C THR A 11 -16.56 -1.08 18.44
N ILE A 12 -17.47 -0.67 17.55
CA ILE A 12 -18.79 -1.28 17.50
C ILE A 12 -19.03 -2.02 16.18
N LEU A 13 -18.03 -2.01 15.30
CA LEU A 13 -18.07 -2.68 14.00
C LEU A 13 -16.63 -2.88 13.51
N ASN A 14 -16.27 -4.12 13.22
CA ASN A 14 -14.92 -4.44 12.78
C ASN A 14 -14.98 -5.65 11.83
N LEU A 15 -14.88 -5.40 10.53
CA LEU A 15 -14.93 -6.49 9.56
C LEU A 15 -13.60 -7.18 9.44
N ASP A 16 -13.62 -8.52 9.49
CA ASP A 16 -12.39 -9.27 9.36
C ASP A 16 -12.60 -10.47 8.44
N ILE A 17 -11.54 -10.84 7.72
CA ILE A 17 -11.60 -11.96 6.79
C ILE A 17 -10.85 -13.16 7.37
N ASN A 18 -11.54 -14.28 7.52
CA ASN A 18 -10.94 -15.50 8.06
C ASN A 18 -11.61 -16.67 7.36
N ASN A 19 -10.82 -17.67 6.98
CA ASN A 19 -11.37 -18.83 6.29
C ASN A 19 -12.18 -18.34 5.10
N ASP A 20 -11.67 -17.32 4.43
CA ASP A 20 -12.34 -16.76 3.27
C ASP A 20 -13.80 -16.35 3.50
N ILE A 21 -14.13 -16.01 4.74
CA ILE A 21 -15.47 -15.55 5.09
C ILE A 21 -15.32 -14.15 5.67
N ILE A 22 -16.28 -13.28 5.39
CA ILE A 22 -16.24 -11.93 5.93
C ILE A 22 -17.27 -11.83 7.04
N SER A 23 -16.87 -11.27 8.18
CA SER A 23 -17.80 -11.12 9.27
C SER A 23 -17.34 -10.07 10.26
N ASP A 24 -18.27 -9.69 11.15
CA ASP A 24 -18.03 -8.70 12.16
C ASP A 24 -17.43 -9.36 13.40
N ILE A 25 -16.27 -8.89 13.82
CA ILE A 25 -15.61 -9.45 14.99
C ILE A 25 -15.59 -8.44 16.14
N SER A 26 -16.38 -7.39 16.01
CA SER A 26 -16.42 -6.35 17.03
C SER A 26 -16.96 -6.87 18.36
N GLY A 27 -17.85 -7.86 18.28
CA GLY A 27 -18.44 -8.42 19.48
C GLY A 27 -19.94 -8.19 19.48
N PHE A 28 -20.39 -7.25 18.64
CA PHE A 28 -21.80 -6.91 18.51
C PHE A 28 -22.53 -7.79 17.51
N ASN A 29 -21.78 -8.63 16.82
CA ASN A 29 -22.33 -9.55 15.85
C ASN A 29 -23.26 -8.97 14.79
N SER A 30 -22.82 -7.95 14.06
CA SER A 30 -23.64 -7.42 13.00
C SER A 30 -23.58 -8.45 11.87
N SER A 31 -24.69 -8.62 11.17
CA SER A 31 -24.76 -9.57 10.08
C SER A 31 -24.01 -9.02 8.88
N VAL A 32 -23.22 -9.86 8.21
CA VAL A 32 -22.50 -9.42 7.03
C VAL A 32 -22.95 -10.26 5.85
N ILE A 33 -23.41 -9.61 4.79
CA ILE A 33 -23.90 -10.29 3.61
C ILE A 33 -22.95 -10.08 2.44
N THR A 34 -22.37 -11.17 1.97
CA THR A 34 -21.44 -11.08 0.87
C THR A 34 -22.10 -11.55 -0.41
N TYR A 35 -22.13 -10.67 -1.40
CA TYR A 35 -22.74 -10.99 -2.68
C TYR A 35 -21.78 -11.78 -3.57
N PRO A 36 -22.32 -12.49 -4.57
CA PRO A 36 -21.54 -13.31 -5.51
C PRO A 36 -20.27 -12.73 -6.10
N ASP A 37 -20.33 -11.51 -6.63
CA ASP A 37 -19.16 -10.91 -7.26
C ASP A 37 -18.25 -10.08 -6.35
N ALA A 38 -18.45 -10.20 -5.03
CA ALA A 38 -17.60 -9.50 -4.08
C ALA A 38 -16.36 -10.40 -3.95
N GLN A 39 -15.24 -9.93 -4.46
CA GLN A 39 -14.00 -10.71 -4.46
C GLN A 39 -13.05 -10.51 -3.28
N LEU A 40 -12.16 -11.49 -3.08
CA LEU A 40 -11.15 -11.43 -2.02
C LEU A 40 -9.77 -11.43 -2.66
N VAL A 41 -8.92 -10.49 -2.24
CA VAL A 41 -7.58 -10.37 -2.78
C VAL A 41 -6.57 -10.13 -1.67
N PRO A 42 -5.27 -10.08 -1.99
CA PRO A 42 -4.28 -9.84 -0.94
C PRO A 42 -4.60 -8.54 -0.22
N GLY A 43 -4.33 -8.49 1.09
CA GLY A 43 -4.60 -7.30 1.87
C GLY A 43 -3.42 -6.85 2.73
N ILE A 44 -3.61 -5.80 3.52
CA ILE A 44 -2.54 -5.29 4.37
C ILE A 44 -2.15 -6.31 5.43
N ASN A 45 -3.09 -7.16 5.81
CA ASN A 45 -2.84 -8.20 6.81
C ASN A 45 -3.82 -9.35 6.64
N GLY A 46 -3.61 -10.15 5.61
CA GLY A 46 -4.49 -11.26 5.30
C GLY A 46 -5.14 -10.97 3.96
N LYS A 47 -6.45 -11.10 3.87
CA LYS A 47 -7.15 -10.82 2.61
C LYS A 47 -8.04 -9.60 2.74
N ALA A 48 -8.33 -8.97 1.61
CA ALA A 48 -9.16 -7.77 1.59
C ALA A 48 -10.35 -7.90 0.63
N ILE A 49 -11.30 -6.98 0.76
CA ILE A 49 -12.48 -6.97 -0.10
C ILE A 49 -12.16 -6.22 -1.39
N HIS A 50 -12.53 -6.80 -2.52
CA HIS A 50 -12.28 -6.20 -3.84
C HIS A 50 -13.62 -6.05 -4.56
N LEU A 51 -13.98 -4.82 -4.89
CA LEU A 51 -15.26 -4.55 -5.57
C LEU A 51 -15.12 -4.10 -7.02
N VAL A 52 -15.87 -4.76 -7.90
CA VAL A 52 -15.87 -4.42 -9.31
C VAL A 52 -17.16 -3.67 -9.62
N ASN A 53 -17.28 -3.10 -10.81
CA ASN A 53 -18.48 -2.33 -11.14
C ASN A 53 -19.71 -3.02 -11.70
N ASN A 54 -20.30 -3.92 -10.92
CA ASN A 54 -21.54 -4.58 -11.32
C ASN A 54 -22.29 -4.75 -10.02
N GLU A 55 -23.60 -4.95 -10.11
CA GLU A 55 -24.44 -5.06 -8.92
C GLU A 55 -24.26 -6.29 -8.06
N SER A 56 -23.57 -7.29 -8.60
CA SER A 56 -23.32 -8.51 -7.83
C SER A 56 -22.10 -8.38 -6.92
N SER A 57 -21.31 -7.33 -7.12
CA SER A 57 -20.12 -7.14 -6.31
C SER A 57 -20.31 -6.17 -5.16
N GLU A 58 -20.86 -6.66 -4.06
CA GLU A 58 -21.10 -5.81 -2.91
C GLU A 58 -21.07 -6.60 -1.61
N VAL A 59 -20.86 -5.87 -0.52
CA VAL A 59 -20.83 -6.44 0.82
C VAL A 59 -21.74 -5.56 1.67
N ILE A 60 -22.77 -6.17 2.25
CA ILE A 60 -23.70 -5.44 3.09
C ILE A 60 -23.64 -5.83 4.54
N VAL A 61 -23.48 -4.83 5.39
CA VAL A 61 -23.43 -5.04 6.83
C VAL A 61 -24.75 -4.54 7.42
N HIS A 62 -25.52 -5.46 7.97
CA HIS A 62 -26.79 -5.10 8.59
C HIS A 62 -26.49 -4.92 10.07
N LYS A 63 -26.58 -3.67 10.52
CA LYS A 63 -26.29 -3.31 11.91
C LYS A 63 -27.10 -4.05 12.97
N ALA A 64 -26.39 -4.55 13.98
CA ALA A 64 -27.04 -5.26 15.08
C ALA A 64 -27.83 -4.20 15.86
N MET A 65 -28.88 -4.64 16.56
CA MET A 65 -29.71 -3.70 17.31
C MET A 65 -28.94 -2.75 18.21
N ASP A 66 -28.04 -3.28 19.03
CA ASP A 66 -27.26 -2.45 19.95
C ASP A 66 -26.29 -1.48 19.28
N ILE A 67 -25.96 -1.71 18.02
CA ILE A 67 -25.01 -0.84 17.34
C ILE A 67 -25.61 0.44 16.77
N GLU A 68 -25.74 1.45 17.61
CA GLU A 68 -26.23 2.76 17.21
C GLU A 68 -25.22 3.82 17.68
N TYR A 69 -24.44 4.30 16.73
CA TYR A 69 -23.39 5.27 16.98
C TYR A 69 -23.71 6.65 16.43
N ASN A 70 -24.65 6.72 15.48
CA ASN A 70 -25.04 7.99 14.88
C ASN A 70 -26.32 8.54 15.46
N ASP A 71 -26.54 8.27 16.75
CA ASP A 71 -27.72 8.73 17.45
C ASP A 71 -27.79 10.26 17.40
N MET A 72 -28.59 10.83 18.29
CA MET A 72 -28.74 12.28 18.35
C MET A 72 -27.39 12.90 18.67
N PHE A 73 -26.71 13.39 17.64
CA PHE A 73 -25.41 14.03 17.80
C PHE A 73 -24.37 13.17 18.51
N ASN A 74 -24.26 11.90 18.13
CA ASN A 74 -23.26 11.03 18.74
C ASN A 74 -22.01 10.93 17.87
N ASN A 75 -20.87 11.22 18.47
CA ASN A 75 -19.59 11.20 17.76
C ASN A 75 -19.20 9.80 17.30
N PHE A 76 -18.57 9.73 16.13
CA PHE A 76 -18.14 8.45 15.60
C PHE A 76 -16.98 8.55 14.63
N THR A 77 -16.26 7.44 14.48
CA THR A 77 -15.13 7.39 13.57
C THR A 77 -15.21 6.17 12.69
N VAL A 78 -14.85 6.34 11.43
CA VAL A 78 -14.85 5.25 10.48
C VAL A 78 -13.42 5.16 9.96
N SER A 79 -12.93 3.94 9.83
CA SER A 79 -11.59 3.70 9.34
C SER A 79 -11.59 2.47 8.45
N PHE A 80 -10.62 2.40 7.56
CA PHE A 80 -10.47 1.28 6.66
C PHE A 80 -9.28 1.55 5.77
N TRP A 81 -8.65 0.48 5.28
CA TRP A 81 -7.55 0.65 4.36
C TRP A 81 -8.22 0.75 3.01
N LEU A 82 -7.61 1.51 2.11
CA LEU A 82 -8.19 1.69 0.78
C LEU A 82 -7.15 1.52 -0.31
N ARG A 83 -7.58 1.01 -1.45
CA ARG A 83 -6.68 0.87 -2.59
C ARG A 83 -7.42 1.11 -3.90
N VAL A 84 -7.16 2.29 -4.49
CA VAL A 84 -7.79 2.70 -5.75
C VAL A 84 -6.71 2.79 -6.82
N PRO A 85 -6.94 2.11 -7.96
CA PRO A 85 -5.96 2.13 -9.06
C PRO A 85 -5.72 3.55 -9.60
N LYS A 86 -4.54 3.78 -10.15
CA LYS A 86 -4.23 5.10 -10.70
C LYS A 86 -5.16 5.37 -11.88
N VAL A 87 -5.83 6.52 -11.84
CA VAL A 87 -6.75 6.92 -12.91
C VAL A 87 -5.96 7.37 -14.13
N SER A 88 -6.24 6.76 -15.28
CA SER A 88 -5.54 7.09 -16.53
C SER A 88 -5.88 8.49 -16.96
N ALA A 89 -5.01 9.09 -17.77
CA ALA A 89 -5.25 10.45 -18.25
C ALA A 89 -6.62 10.49 -18.94
N SER A 90 -6.86 9.51 -19.81
CA SER A 90 -8.11 9.41 -20.55
C SER A 90 -9.32 9.33 -19.64
N HIS A 91 -9.29 8.37 -18.73
CA HIS A 91 -10.41 8.18 -17.80
C HIS A 91 -10.65 9.41 -16.95
N LEU A 92 -9.57 10.11 -16.62
CA LEU A 92 -9.68 11.31 -15.80
C LEU A 92 -10.46 12.33 -16.61
N GLU A 93 -10.22 12.36 -17.92
CA GLU A 93 -10.90 13.28 -18.82
C GLU A 93 -12.35 12.86 -19.05
N GLN A 94 -12.54 11.56 -19.22
CA GLN A 94 -13.86 10.97 -19.48
C GLN A 94 -14.79 10.84 -18.27
N TYR A 95 -14.24 10.50 -17.12
CA TYR A 95 -15.05 10.29 -15.92
C TYR A 95 -14.71 11.22 -14.77
N GLY A 96 -13.86 12.21 -15.05
CA GLY A 96 -13.43 13.15 -14.03
C GLY A 96 -14.51 13.75 -13.15
N THR A 97 -15.67 14.06 -13.71
CA THR A 97 -16.75 14.66 -12.92
C THR A 97 -17.80 13.66 -12.43
N ASN A 98 -17.54 12.37 -12.65
CA ASN A 98 -18.47 11.34 -12.21
C ASN A 98 -18.21 10.93 -10.77
N GLU A 99 -19.00 11.45 -9.84
CA GLU A 99 -18.82 11.08 -8.44
C GLU A 99 -19.61 9.83 -8.08
N TYR A 100 -18.90 8.83 -7.56
CA TYR A 100 -19.55 7.59 -7.17
C TYR A 100 -19.19 7.20 -5.75
N SER A 101 -20.15 6.64 -5.04
CA SER A 101 -19.91 6.20 -3.68
C SER A 101 -19.34 4.77 -3.71
N ILE A 102 -18.61 4.39 -2.67
CA ILE A 102 -18.06 3.04 -2.54
C ILE A 102 -18.50 2.44 -1.21
N ILE A 103 -18.72 3.29 -0.21
CA ILE A 103 -19.16 2.87 1.10
C ILE A 103 -20.23 3.88 1.54
N SER A 104 -21.36 3.41 2.05
CA SER A 104 -22.42 4.33 2.45
C SER A 104 -23.49 3.75 3.36
N SER A 105 -24.04 4.61 4.20
CA SER A 105 -25.11 4.22 5.11
C SER A 105 -26.37 4.98 4.67
N MET A 106 -26.32 5.53 3.46
CA MET A 106 -27.44 6.29 2.91
C MET A 106 -28.35 5.42 2.05
N LYS A 107 -29.60 5.28 2.46
CA LYS A 107 -30.55 4.50 1.67
C LYS A 107 -31.03 5.46 0.58
N LYS A 108 -30.73 5.14 -0.68
CA LYS A 108 -31.13 5.99 -1.80
C LYS A 108 -32.37 5.53 -2.56
N HIS A 109 -32.99 6.47 -3.26
CA HIS A 109 -34.19 6.24 -4.07
C HIS A 109 -35.30 5.47 -3.37
N SER A 110 -35.66 5.93 -2.17
CA SER A 110 -36.72 5.29 -1.42
C SER A 110 -37.47 6.29 -0.54
N LEU A 111 -38.07 5.81 0.53
CA LEU A 111 -38.84 6.67 1.42
C LEU A 111 -38.03 7.69 2.21
N SER A 112 -36.97 7.27 2.88
CA SER A 112 -36.18 8.21 3.67
C SER A 112 -35.42 9.20 2.82
N ILE A 113 -34.97 10.29 3.45
CA ILE A 113 -34.18 11.32 2.77
C ILE A 113 -32.76 10.76 2.71
N GLY A 114 -31.82 11.55 2.21
CA GLY A 114 -30.45 11.10 2.16
C GLY A 114 -30.03 10.77 3.58
N SER A 115 -29.95 9.48 3.89
CA SER A 115 -29.62 9.02 5.22
C SER A 115 -28.36 9.59 5.85
N GLY A 116 -27.55 8.71 6.42
CA GLY A 116 -26.33 9.11 7.10
C GLY A 116 -25.08 9.63 6.41
N TRP A 117 -24.11 8.74 6.18
CA TRP A 117 -22.84 9.13 5.58
C TRP A 117 -22.44 8.30 4.37
N SER A 118 -21.42 8.79 3.68
CA SER A 118 -20.90 8.09 2.52
C SER A 118 -19.45 8.45 2.21
N VAL A 119 -18.75 7.50 1.60
CA VAL A 119 -17.38 7.69 1.16
C VAL A 119 -17.52 7.51 -0.34
N SER A 120 -17.12 8.52 -1.10
CA SER A 120 -17.21 8.46 -2.55
C SER A 120 -15.93 8.96 -3.19
N LEU A 121 -15.80 8.68 -4.48
CA LEU A 121 -14.64 9.10 -5.25
C LEU A 121 -15.14 9.90 -6.47
N LYS A 122 -14.35 10.87 -6.89
CA LYS A 122 -14.72 11.70 -8.04
C LYS A 122 -13.38 12.12 -8.63
N GLY A 123 -13.02 11.51 -9.76
CA GLY A 123 -11.73 11.83 -10.35
C GLY A 123 -10.67 11.42 -9.34
N ASN A 124 -9.78 12.34 -9.01
CA ASN A 124 -8.74 12.06 -8.03
C ASN A 124 -9.05 12.72 -6.69
N ASN A 125 -10.34 12.73 -6.31
CA ASN A 125 -10.75 13.32 -5.03
C ASN A 125 -11.46 12.29 -4.16
N LEU A 126 -11.14 12.29 -2.87
CA LEU A 126 -11.78 11.38 -1.92
C LEU A 126 -12.78 12.28 -1.22
N ILE A 127 -14.02 11.83 -1.10
CA ILE A 127 -15.06 12.64 -0.48
C ILE A 127 -15.81 11.99 0.67
N TRP A 128 -15.99 12.74 1.74
CA TRP A 128 -16.73 12.29 2.91
C TRP A 128 -17.98 13.14 2.97
N THR A 129 -19.13 12.51 3.00
CA THR A 129 -20.39 13.26 3.04
C THR A 129 -21.23 12.85 4.25
N LEU A 130 -21.79 13.86 4.90
CA LEU A 130 -22.67 13.69 6.06
C LEU A 130 -23.98 14.40 5.76
N LYS A 131 -25.09 13.70 5.95
CA LYS A 131 -26.42 14.26 5.69
C LYS A 131 -27.30 13.92 6.86
N ASP A 132 -27.99 14.93 7.42
CA ASP A 132 -28.86 14.67 8.56
C ASP A 132 -30.29 14.35 8.15
N SER A 133 -31.12 14.07 9.14
CA SER A 133 -32.52 13.72 8.93
C SER A 133 -33.30 14.76 8.13
N ALA A 134 -32.91 16.03 8.25
CA ALA A 134 -33.59 17.10 7.53
C ALA A 134 -33.07 17.23 6.10
N GLY A 135 -31.99 16.55 5.79
CA GLY A 135 -31.44 16.64 4.44
C GLY A 135 -30.27 17.58 4.33
N GLU A 136 -29.82 18.13 5.45
CA GLU A 136 -28.68 19.03 5.46
C GLU A 136 -27.42 18.21 5.21
N VAL A 137 -26.47 18.77 4.47
CA VAL A 137 -25.24 18.02 4.20
C VAL A 137 -23.95 18.81 4.44
N ARG A 138 -22.93 18.09 4.89
CA ARG A 138 -21.61 18.64 5.13
C ARG A 138 -20.66 17.74 4.35
N GLN A 139 -19.59 18.31 3.82
CA GLN A 139 -18.64 17.52 3.05
C GLN A 139 -17.17 17.88 3.21
N ILE A 140 -16.33 16.88 3.04
CA ILE A 140 -14.88 17.06 3.08
C ILE A 140 -14.49 16.60 1.69
N THR A 141 -13.72 17.43 0.98
CA THR A 141 -13.26 17.05 -0.35
C THR A 141 -11.74 17.08 -0.34
N PHE A 142 -11.14 15.90 -0.44
CA PHE A 142 -9.69 15.80 -0.46
C PHE A 142 -9.20 15.65 -1.90
N ARG A 143 -8.26 16.51 -2.29
CA ARG A 143 -7.69 16.50 -3.63
C ARG A 143 -6.34 15.81 -3.53
N ASP A 144 -6.20 14.68 -4.22
CA ASP A 144 -4.95 13.93 -4.18
C ASP A 144 -3.76 14.71 -4.73
N LEU A 145 -2.56 14.24 -4.42
CA LEU A 145 -1.33 14.87 -4.88
C LEU A 145 -1.14 14.68 -6.38
N PRO A 146 -0.49 15.65 -7.04
CA PRO A 146 -0.21 15.64 -8.49
C PRO A 146 0.75 14.51 -8.88
N ASP A 147 1.76 14.30 -8.07
CA ASP A 147 2.78 13.27 -8.29
C ASP A 147 2.23 11.90 -7.87
N LYS A 148 1.76 11.14 -8.84
CA LYS A 148 1.17 9.84 -8.54
C LYS A 148 2.11 8.83 -7.91
N PHE A 149 3.41 9.05 -8.03
CA PHE A 149 4.35 8.11 -7.44
C PHE A 149 4.15 8.15 -5.92
N ASN A 150 3.77 9.32 -5.42
CA ASN A 150 3.58 9.51 -3.99
C ASN A 150 2.15 9.82 -3.57
N ALA A 151 1.20 9.68 -4.51
CA ALA A 151 -0.21 9.96 -4.25
C ALA A 151 -0.89 8.85 -3.43
N TYR A 152 -1.99 9.22 -2.77
CA TYR A 152 -2.74 8.29 -1.93
C TYR A 152 -3.81 7.53 -2.67
N LEU A 153 -4.19 8.02 -3.84
CA LEU A 153 -5.21 7.35 -4.63
C LEU A 153 -4.55 6.90 -5.94
N ALA A 154 -3.40 6.24 -5.80
CA ALA A 154 -2.63 5.77 -6.94
C ALA A 154 -2.12 4.33 -6.87
N ASN A 155 -3.02 3.39 -6.55
CA ASN A 155 -2.70 1.97 -6.53
C ASN A 155 -2.01 1.39 -5.29
N LYS A 156 -1.81 2.20 -4.25
CA LYS A 156 -1.19 1.70 -3.03
C LYS A 156 -2.24 1.62 -1.93
N TRP A 157 -2.03 0.67 -1.02
CA TRP A 157 -2.89 0.48 0.14
C TRP A 157 -2.59 1.64 1.09
N VAL A 158 -3.61 2.43 1.40
CA VAL A 158 -3.47 3.58 2.30
C VAL A 158 -4.54 3.51 3.39
N PHE A 159 -4.19 3.97 4.60
CA PHE A 159 -5.14 3.92 5.70
C PHE A 159 -5.96 5.19 5.84
N ILE A 160 -7.28 5.03 5.78
CA ILE A 160 -8.21 6.14 5.89
C ILE A 160 -8.87 6.17 7.26
N THR A 161 -9.10 7.37 7.77
CA THR A 161 -9.76 7.51 9.05
C THR A 161 -10.53 8.80 8.99
N ILE A 162 -11.82 8.74 9.31
CA ILE A 162 -12.63 9.94 9.31
C ILE A 162 -13.30 10.02 10.67
N THR A 163 -12.96 11.07 11.42
CA THR A 163 -13.52 11.28 12.74
C THR A 163 -14.63 12.34 12.65
N ASN A 164 -15.68 12.15 13.45
CA ASN A 164 -16.81 13.06 13.46
C ASN A 164 -17.18 13.54 14.85
N ASP A 165 -16.94 14.82 15.12
CA ASP A 165 -17.28 15.42 16.40
C ASP A 165 -18.47 16.34 16.14
N ARG A 166 -19.66 15.94 16.60
CA ARG A 166 -20.87 16.71 16.38
C ARG A 166 -20.84 18.14 16.92
N LEU A 167 -19.90 18.43 17.83
CA LEU A 167 -19.80 19.78 18.37
C LEU A 167 -18.76 20.62 17.64
N SER A 168 -18.05 20.02 16.70
CA SER A 168 -17.05 20.78 15.96
C SER A 168 -16.95 20.44 14.48
N SER A 169 -16.00 19.58 14.12
CA SER A 169 -15.83 19.24 12.72
C SER A 169 -15.55 17.77 12.43
N ALA A 170 -15.61 17.44 11.14
CA ALA A 170 -15.33 16.11 10.68
C ALA A 170 -13.91 16.20 10.14
N ASN A 171 -13.07 15.24 10.51
CA ASN A 171 -11.68 15.26 10.06
C ASN A 171 -11.28 14.01 9.28
N LEU A 172 -10.61 14.23 8.15
CA LEU A 172 -10.16 13.14 7.30
C LEU A 172 -8.65 12.94 7.46
N TYR A 173 -8.27 11.73 7.81
CA TYR A 173 -6.87 11.35 7.98
C TYR A 173 -6.52 10.26 6.97
N ILE A 174 -5.26 10.25 6.54
CA ILE A 174 -4.73 9.23 5.62
C ILE A 174 -3.35 8.93 6.18
N ASN A 175 -3.06 7.64 6.35
CA ASN A 175 -1.78 7.20 6.92
C ASN A 175 -1.48 8.02 8.20
N GLY A 176 -2.54 8.25 8.98
CA GLY A 176 -2.42 8.97 10.24
C GLY A 176 -2.22 10.47 10.18
N VAL A 177 -2.32 11.07 9.00
CA VAL A 177 -2.13 12.50 8.88
C VAL A 177 -3.39 13.23 8.41
N LEU A 178 -3.66 14.38 9.02
CA LEU A 178 -4.84 15.18 8.68
C LEU A 178 -4.75 15.72 7.25
N MET A 179 -5.73 15.38 6.42
CA MET A 179 -5.73 15.82 5.03
C MET A 179 -6.93 16.69 4.68
N GLY A 180 -7.93 16.70 5.55
CA GLY A 180 -9.11 17.48 5.26
C GLY A 180 -9.96 17.65 6.48
N SER A 181 -10.81 18.67 6.48
CA SER A 181 -11.66 18.94 7.61
C SER A 181 -12.86 19.77 7.17
N ALA A 182 -13.93 19.71 7.97
CA ALA A 182 -15.13 20.47 7.68
C ALA A 182 -15.97 20.57 8.93
N GLU A 183 -16.42 21.78 9.25
CA GLU A 183 -17.25 21.96 10.43
C GLU A 183 -18.58 21.29 10.15
N ILE A 184 -19.12 20.60 11.14
CA ILE A 184 -20.40 19.94 10.95
C ILE A 184 -21.42 20.43 11.97
N THR A 185 -21.03 21.41 12.77
CA THR A 185 -21.93 21.97 13.77
C THR A 185 -23.18 22.46 13.05
N GLY A 186 -24.31 22.45 13.73
CA GLY A 186 -25.53 22.91 13.10
C GLY A 186 -26.29 21.77 12.45
N LEU A 187 -25.61 20.64 12.24
CA LEU A 187 -26.27 19.49 11.65
C LEU A 187 -27.19 18.89 12.70
N GLY A 188 -28.34 18.41 12.26
CA GLY A 188 -29.29 17.81 13.18
C GLY A 188 -28.98 16.35 13.42
N ALA A 189 -30.02 15.57 13.69
CA ALA A 189 -29.87 14.15 13.94
C ALA A 189 -29.67 13.38 12.64
N ILE A 190 -28.81 12.37 12.71
CA ILE A 190 -28.54 11.54 11.54
C ILE A 190 -29.33 10.25 11.70
N ARG A 191 -30.18 9.97 10.72
CA ARG A 191 -30.96 8.75 10.76
C ARG A 191 -30.64 7.98 9.49
N GLU A 192 -29.55 7.23 9.53
CA GLU A 192 -29.10 6.45 8.40
C GLU A 192 -29.83 5.13 8.25
N ASP A 193 -29.52 4.44 7.17
CA ASP A 193 -30.09 3.14 6.86
C ASP A 193 -29.44 2.16 7.83
N ASN A 194 -30.18 1.15 8.25
CA ASN A 194 -29.61 0.17 9.17
C ASN A 194 -28.59 -0.70 8.43
N ASN A 195 -28.39 -0.40 7.14
CA ASN A 195 -27.43 -1.13 6.33
C ASN A 195 -26.24 -0.29 5.91
N ILE A 196 -25.04 -0.87 6.03
CA ILE A 196 -23.82 -0.21 5.60
C ILE A 196 -23.48 -0.93 4.30
N THR A 197 -23.54 -0.23 3.18
CA THR A 197 -23.26 -0.85 1.89
C THR A 197 -21.88 -0.55 1.29
N LEU A 198 -21.15 -1.63 1.01
CA LEU A 198 -19.84 -1.55 0.39
C LEU A 198 -20.10 -1.92 -1.07
N LYS A 199 -20.12 -0.91 -1.94
CA LYS A 199 -20.42 -1.13 -3.36
C LYS A 199 -20.19 0.13 -4.17
N LEU A 200 -19.85 -0.03 -5.45
CA LEU A 200 -19.65 1.12 -6.33
C LEU A 200 -21.02 1.57 -6.81
N ASP A 201 -21.48 2.71 -6.32
CA ASP A 201 -22.78 3.24 -6.68
C ASP A 201 -22.73 4.48 -7.57
N ARG A 202 -23.36 4.37 -8.74
CA ARG A 202 -23.41 5.46 -9.72
C ARG A 202 -22.09 5.71 -10.44
N CYS A 203 -21.31 4.66 -10.64
CA CYS A 203 -20.02 4.79 -11.33
C CYS A 203 -20.15 4.44 -12.81
N ASN A 204 -19.90 5.42 -13.68
CA ASN A 204 -20.02 5.26 -15.12
C ASN A 204 -18.87 4.49 -15.79
N ASN A 205 -17.78 4.26 -15.08
CA ASN A 205 -16.64 3.53 -15.64
C ASN A 205 -16.80 2.05 -15.33
N ASN A 206 -17.19 1.27 -16.33
CA ASN A 206 -17.40 -0.16 -16.17
C ASN A 206 -16.18 -0.94 -15.69
N ASN A 207 -14.99 -0.41 -15.95
CA ASN A 207 -13.75 -1.08 -15.56
C ASN A 207 -13.22 -0.68 -14.18
N GLN A 208 -13.91 0.26 -13.54
CA GLN A 208 -13.52 0.73 -12.23
C GLN A 208 -13.66 -0.32 -11.14
N TYR A 209 -12.76 -0.25 -10.16
CA TYR A 209 -12.80 -1.16 -9.02
C TYR A 209 -12.02 -0.52 -7.88
N VAL A 210 -12.19 -1.08 -6.69
CA VAL A 210 -11.49 -0.58 -5.51
C VAL A 210 -11.34 -1.77 -4.56
N SER A 211 -10.51 -1.60 -3.55
CA SER A 211 -10.30 -2.63 -2.55
C SER A 211 -10.41 -1.96 -1.19
N ILE A 212 -11.14 -2.59 -0.28
CA ILE A 212 -11.36 -2.05 1.05
C ILE A 212 -10.98 -3.11 2.08
N ASP A 213 -10.31 -2.68 3.14
CA ASP A 213 -9.87 -3.62 4.18
C ASP A 213 -10.01 -3.08 5.59
N LYS A 214 -10.21 -4.02 6.52
CA LYS A 214 -10.36 -3.71 7.94
C LYS A 214 -11.40 -2.62 8.20
N PHE A 215 -12.50 -2.62 7.46
CA PHE A 215 -13.52 -1.59 7.68
C PHE A 215 -13.94 -1.62 9.15
N ARG A 216 -13.75 -0.50 9.84
CA ARG A 216 -14.11 -0.45 11.24
C ARG A 216 -14.84 0.84 11.61
N ILE A 217 -15.63 0.79 12.66
CA ILE A 217 -16.35 1.96 13.14
C ILE A 217 -16.24 2.03 14.66
N PHE A 218 -15.94 3.24 15.15
CA PHE A 218 -15.82 3.51 16.57
C PHE A 218 -16.93 4.46 17.01
N CYS A 219 -17.36 4.33 18.27
CA CYS A 219 -18.42 5.18 18.80
C CYS A 219 -17.87 6.47 19.43
N LYS A 220 -16.81 7.00 18.85
CA LYS A 220 -16.21 8.24 19.34
C LYS A 220 -15.30 8.81 18.27
N ALA A 221 -14.92 10.07 18.43
CA ALA A 221 -14.02 10.73 17.50
C ALA A 221 -12.58 10.48 17.98
N LEU A 222 -11.87 9.59 17.30
CA LEU A 222 -10.50 9.30 17.70
C LEU A 222 -9.65 10.56 17.54
N ASN A 223 -8.65 10.71 18.39
CA ASN A 223 -7.74 11.86 18.32
C ASN A 223 -6.50 11.44 17.54
N PRO A 224 -5.67 12.42 17.12
CA PRO A 224 -4.45 12.13 16.36
C PRO A 224 -3.61 10.97 16.89
N LYS A 225 -3.35 10.97 18.19
CA LYS A 225 -2.56 9.93 18.82
C LYS A 225 -3.20 8.55 18.69
N GLU A 226 -4.49 8.48 19.01
CA GLU A 226 -5.21 7.21 18.91
C GLU A 226 -5.19 6.73 17.46
N ILE A 227 -5.30 7.66 16.52
CA ILE A 227 -5.31 7.34 15.09
C ILE A 227 -3.94 6.82 14.66
N GLU A 228 -2.89 7.47 15.15
CA GLU A 228 -1.53 7.06 14.82
C GLU A 228 -1.31 5.60 15.23
N LYS A 229 -1.73 5.27 16.45
CA LYS A 229 -1.60 3.90 16.97
C LYS A 229 -2.43 2.92 16.15
N LEU A 230 -3.67 3.31 15.85
CA LEU A 230 -4.56 2.46 15.05
C LEU A 230 -3.86 2.14 13.73
N TYR A 231 -3.43 3.19 13.04
CA TYR A 231 -2.74 3.07 11.77
C TYR A 231 -1.58 2.08 11.85
N THR A 232 -0.61 2.36 12.73
CA THR A 232 0.55 1.48 12.85
C THR A 232 0.28 0.07 13.37
N SER A 233 -0.81 -0.14 14.09
CA SER A 233 -1.09 -1.49 14.61
C SER A 233 -1.34 -2.49 13.48
N TYR A 234 -1.66 -1.98 12.28
CA TYR A 234 -1.92 -2.84 11.14
C TYR A 234 -0.63 -3.19 10.40
N LEU A 235 0.43 -2.42 10.65
CA LEU A 235 1.71 -2.63 9.99
C LEU A 235 2.49 -3.81 10.57
N SER A 236 1.91 -5.01 10.48
CA SER A 236 2.57 -6.21 10.98
C SER A 236 3.82 -6.42 10.14
N ILE A 237 4.75 -7.24 10.62
CA ILE A 237 5.98 -7.46 9.87
C ILE A 237 6.19 -8.93 9.47
N THR A 238 5.24 -9.79 9.79
CA THR A 238 5.38 -11.20 9.43
C THR A 238 5.85 -11.29 7.99
N PHE A 239 5.07 -10.71 7.08
CA PHE A 239 5.40 -10.72 5.66
C PHE A 239 5.94 -9.37 5.19
N LEU A 240 6.75 -9.40 4.15
CA LEU A 240 7.30 -8.20 3.56
C LEU A 240 6.27 -7.75 2.52
N ARG A 241 6.31 -6.49 2.14
CA ARG A 241 5.33 -5.99 1.16
C ARG A 241 5.94 -5.41 -0.10
N ASP A 242 5.20 -5.45 -1.20
CA ASP A 242 5.70 -4.87 -2.44
C ASP A 242 5.35 -3.38 -2.45
N PHE A 243 5.67 -2.73 -3.55
CA PHE A 243 5.44 -1.30 -3.73
C PHE A 243 4.00 -0.87 -3.49
N TRP A 244 3.05 -1.75 -3.84
CA TRP A 244 1.63 -1.42 -3.69
C TRP A 244 1.11 -1.65 -2.28
N GLY A 245 1.90 -2.34 -1.45
CA GLY A 245 1.49 -2.64 -0.09
C GLY A 245 1.03 -4.08 0.10
N ASN A 246 1.05 -4.87 -0.96
CA ASN A 246 0.63 -6.27 -0.89
C ASN A 246 1.81 -7.16 -0.49
N PRO A 247 1.52 -8.36 0.00
CA PRO A 247 2.54 -9.32 0.42
C PRO A 247 3.57 -9.57 -0.68
N LEU A 248 4.84 -9.58 -0.30
CA LEU A 248 5.92 -9.84 -1.26
C LEU A 248 5.83 -11.33 -1.60
N ARG A 249 6.10 -11.69 -2.84
CA ARG A 249 6.00 -13.09 -3.23
C ARG A 249 7.22 -13.64 -3.95
N TYR A 250 7.38 -14.96 -3.86
CA TYR A 250 8.49 -15.63 -4.50
C TYR A 250 8.09 -15.84 -5.96
N ASP A 251 9.06 -16.19 -6.79
CA ASP A 251 8.79 -16.48 -8.18
C ASP A 251 7.92 -15.42 -8.85
N THR A 252 8.23 -14.15 -8.58
CA THR A 252 7.47 -13.05 -9.14
C THR A 252 8.40 -11.94 -9.61
N GLU A 253 8.12 -11.39 -10.79
CA GLU A 253 8.96 -10.34 -11.33
C GLU A 253 8.72 -9.02 -10.63
N TYR A 254 9.80 -8.38 -10.22
CA TYR A 254 9.73 -7.09 -9.54
C TYR A 254 10.79 -6.14 -10.08
N TYR A 255 10.43 -4.88 -10.29
CA TYR A 255 11.41 -3.89 -10.72
C TYR A 255 11.87 -3.28 -9.41
N LEU A 256 13.17 -3.05 -9.27
CA LEU A 256 13.69 -2.46 -8.04
C LEU A 256 13.89 -0.96 -8.17
N ILE A 257 13.45 -0.22 -7.17
CA ILE A 257 13.58 1.23 -7.17
C ILE A 257 14.08 1.66 -5.80
N PRO A 258 15.26 2.32 -5.75
CA PRO A 258 15.84 2.79 -4.48
C PRO A 258 15.00 3.88 -3.82
N VAL A 259 14.49 3.57 -2.64
CA VAL A 259 13.68 4.50 -1.87
C VAL A 259 14.36 5.87 -1.73
N ALA A 260 15.68 5.83 -1.51
CA ALA A 260 16.46 7.05 -1.35
C ALA A 260 16.40 7.96 -2.57
N SER A 261 16.21 7.38 -3.75
CA SER A 261 16.12 8.17 -4.98
C SER A 261 15.15 7.48 -5.93
N SER A 262 13.87 7.62 -5.61
CA SER A 262 12.78 7.01 -6.36
C SER A 262 12.75 7.40 -7.82
N SER A 263 13.70 8.23 -8.22
CA SER A 263 13.81 8.70 -9.59
C SER A 263 14.62 7.76 -10.47
N LYS A 264 15.31 6.80 -9.86
CA LYS A 264 16.17 5.90 -10.61
C LYS A 264 15.66 4.49 -10.85
N ASP A 265 16.07 3.93 -11.98
CA ASP A 265 15.74 2.57 -12.36
C ASP A 265 17.06 1.83 -12.27
N VAL A 266 17.00 0.50 -12.31
CA VAL A 266 18.21 -0.29 -12.25
C VAL A 266 18.52 -0.88 -13.61
N GLN A 267 19.80 -0.79 -13.99
CA GLN A 267 20.27 -1.30 -15.27
C GLN A 267 21.43 -2.28 -15.07
N LEU A 268 21.66 -3.11 -16.07
CA LEU A 268 22.74 -4.09 -16.02
C LEU A 268 23.78 -3.73 -17.08
N LYS A 269 25.04 -3.68 -16.67
CA LYS A 269 26.11 -3.36 -17.59
C LYS A 269 26.24 -4.46 -18.64
N ASN A 270 26.42 -5.70 -18.16
CA ASN A 270 26.55 -6.88 -19.01
C ASN A 270 26.34 -8.13 -18.17
N ILE A 271 26.14 -9.27 -18.85
CA ILE A 271 25.98 -10.52 -18.14
C ILE A 271 27.32 -10.78 -17.44
N THR A 272 27.24 -11.30 -16.22
CA THR A 272 28.38 -11.58 -15.36
C THR A 272 28.89 -10.27 -14.76
N ASP A 273 28.36 -9.13 -15.21
CA ASP A 273 28.83 -7.85 -14.67
C ASP A 273 27.97 -7.14 -13.61
N TYR A 274 28.17 -5.83 -13.48
CA TYR A 274 27.49 -5.02 -12.47
C TYR A 274 26.23 -4.28 -12.88
N MET A 275 25.51 -3.82 -11.85
CA MET A 275 24.27 -3.09 -12.04
C MET A 275 24.45 -1.63 -11.60
N TYR A 276 23.65 -0.74 -12.16
CA TYR A 276 23.73 0.67 -11.81
C TYR A 276 22.41 1.41 -12.06
N LEU A 277 22.29 2.60 -11.48
CA LEU A 277 21.08 3.39 -11.60
C LEU A 277 21.00 4.20 -12.89
N THR A 278 19.77 4.40 -13.35
CA THR A 278 19.49 5.17 -14.55
C THR A 278 18.33 6.12 -14.24
N ASN A 279 18.27 7.22 -14.98
CA ASN A 279 17.21 8.18 -14.80
C ASN A 279 15.95 7.67 -15.46
N ALA A 280 14.91 7.45 -14.69
CA ALA A 280 13.67 6.96 -15.25
C ALA A 280 12.98 8.14 -15.91
N PRO A 281 12.29 7.90 -17.02
CA PRO A 281 11.59 8.99 -17.72
C PRO A 281 10.27 9.28 -16.99
N SER A 282 9.75 10.49 -17.15
CA SER A 282 8.50 10.88 -16.50
C SER A 282 7.35 11.20 -17.46
N TYR A 283 6.14 11.11 -16.94
CA TYR A 283 4.96 11.45 -17.70
C TYR A 283 4.44 12.73 -17.08
N THR A 284 4.11 13.71 -17.91
CA THR A 284 3.59 14.99 -17.43
C THR A 284 2.39 15.43 -18.23
N ASN A 285 1.36 15.89 -17.53
CA ASN A 285 0.16 16.38 -18.19
C ASN A 285 -0.23 17.66 -17.48
N GLY A 286 0.14 18.79 -18.09
CA GLY A 286 -0.16 20.08 -17.51
C GLY A 286 -1.63 20.39 -17.24
N LYS A 287 -2.48 20.25 -18.26
CA LYS A 287 -3.89 20.58 -18.08
C LYS A 287 -4.62 19.71 -17.05
N LEU A 288 -4.12 18.49 -16.82
CA LEU A 288 -4.75 17.61 -15.83
C LEU A 288 -4.04 17.68 -14.47
N ASN A 289 -2.94 18.43 -14.42
CA ASN A 289 -2.16 18.56 -13.19
C ASN A 289 -1.85 17.18 -12.64
N ILE A 290 -1.20 16.37 -13.46
CA ILE A 290 -0.82 15.02 -13.10
C ILE A 290 0.53 14.68 -13.71
N TYR A 291 1.41 14.09 -12.92
CA TYR A 291 2.72 13.70 -13.42
C TYR A 291 3.29 12.59 -12.57
N TYR A 292 4.26 11.85 -13.11
CA TYR A 292 4.89 10.77 -12.36
C TYR A 292 6.00 10.12 -13.16
N ARG A 293 6.94 9.52 -12.45
CA ARG A 293 8.02 8.81 -13.11
C ARG A 293 7.32 7.57 -13.62
N ARG A 294 7.69 7.12 -14.81
CA ARG A 294 7.06 5.93 -15.40
C ARG A 294 7.62 4.70 -14.71
N LEU A 295 6.81 3.65 -14.61
CA LEU A 295 7.24 2.42 -13.98
C LEU A 295 7.48 1.34 -15.04
N TYR A 296 8.00 0.22 -14.58
CA TYR A 296 8.24 -0.94 -15.45
C TYR A 296 9.40 -0.84 -16.42
N ASN A 297 10.37 0.00 -16.10
CA ASN A 297 11.57 0.14 -16.91
C ASN A 297 12.70 -0.37 -16.03
N GLY A 298 13.75 -0.92 -16.64
CA GLY A 298 14.86 -1.43 -15.85
C GLY A 298 14.76 -2.92 -15.62
N LEU A 299 15.76 -3.47 -14.95
CA LEU A 299 15.83 -4.90 -14.68
C LEU A 299 14.62 -5.49 -13.99
N LYS A 300 14.40 -6.78 -14.26
CA LYS A 300 13.32 -7.54 -13.66
C LYS A 300 13.97 -8.55 -12.71
N PHE A 301 13.56 -8.53 -11.44
CA PHE A 301 14.11 -9.46 -10.47
C PHE A 301 13.11 -10.50 -10.01
N ILE A 302 13.63 -11.64 -9.58
CA ILE A 302 12.79 -12.71 -9.08
C ILE A 302 13.37 -13.22 -7.77
N ILE A 303 12.51 -13.34 -6.76
CA ILE A 303 12.93 -13.84 -5.46
C ILE A 303 12.68 -15.35 -5.41
N LYS A 304 13.73 -16.13 -5.14
CA LYS A 304 13.61 -17.57 -5.02
C LYS A 304 14.05 -17.95 -3.61
N ARG A 305 13.43 -18.98 -3.06
CA ARG A 305 13.76 -19.42 -1.71
C ARG A 305 15.12 -20.13 -1.69
N TYR A 306 15.96 -19.78 -0.72
CA TYR A 306 17.29 -20.38 -0.61
C TYR A 306 17.17 -21.90 -0.47
N THR A 307 16.29 -22.34 0.43
CA THR A 307 16.03 -23.77 0.64
C THR A 307 14.60 -23.92 1.15
N PRO A 308 13.99 -25.09 0.94
CA PRO A 308 12.62 -25.29 1.40
C PRO A 308 12.62 -25.57 2.90
N ASN A 309 12.00 -24.69 3.68
CA ASN A 309 11.98 -24.90 5.13
C ASN A 309 10.66 -25.44 5.65
N ASN A 310 10.41 -26.52 6.02
CA ASN A 310 9.34 -27.49 6.05
C ASN A 310 8.23 -27.09 5.10
N GLU A 311 7.72 -25.86 5.14
CA GLU A 311 6.51 -25.48 4.43
C GLU A 311 6.75 -24.41 3.36
N ILE A 312 6.23 -24.68 2.17
CA ILE A 312 6.38 -23.75 1.05
C ILE A 312 5.31 -22.66 1.10
N ASP A 313 5.72 -21.47 1.49
CA ASP A 313 4.79 -20.35 1.53
C ASP A 313 5.10 -19.49 0.31
N SER A 314 4.06 -19.11 -0.42
CA SER A 314 4.26 -18.29 -1.61
C SER A 314 4.69 -16.88 -1.22
N PHE A 315 4.43 -16.50 0.02
CA PHE A 315 4.81 -15.16 0.48
C PHE A 315 6.16 -15.16 1.15
N VAL A 316 6.92 -14.08 0.94
CA VAL A 316 8.24 -13.94 1.53
C VAL A 316 8.11 -13.32 2.92
N LYS A 317 8.62 -14.01 3.93
CA LYS A 317 8.55 -13.51 5.30
C LYS A 317 9.84 -12.77 5.63
N SER A 318 9.75 -11.78 6.51
CA SER A 318 10.94 -11.04 6.93
C SER A 318 11.84 -12.03 7.65
N GLY A 319 13.09 -12.12 7.23
CA GLY A 319 14.01 -13.06 7.85
C GLY A 319 14.25 -14.25 6.94
N ASP A 320 13.38 -14.45 5.95
CA ASP A 320 13.54 -15.56 5.01
C ASP A 320 14.86 -15.42 4.27
N PHE A 321 15.54 -16.55 4.05
CA PHE A 321 16.79 -16.54 3.31
C PHE A 321 16.40 -16.79 1.85
N ILE A 322 17.04 -16.08 0.93
CA ILE A 322 16.69 -16.18 -0.48
C ILE A 322 17.86 -16.10 -1.45
N LYS A 323 17.53 -16.26 -2.72
CA LYS A 323 18.50 -16.13 -3.80
C LYS A 323 17.85 -15.16 -4.78
N LEU A 324 18.55 -14.07 -5.07
CA LEU A 324 18.03 -13.04 -5.97
C LEU A 324 18.53 -13.24 -7.41
N TYR A 325 17.60 -13.22 -8.35
CA TYR A 325 17.93 -13.38 -9.77
C TYR A 325 17.36 -12.22 -10.59
N VAL A 326 17.91 -12.01 -11.78
CA VAL A 326 17.39 -10.98 -12.68
C VAL A 326 17.04 -11.74 -13.97
N SER A 327 15.87 -11.45 -14.55
CA SER A 327 15.43 -12.09 -15.78
C SER A 327 15.88 -11.28 -16.96
N TYR A 328 16.84 -11.81 -17.72
CA TYR A 328 17.38 -11.12 -18.88
C TYR A 328 17.43 -12.09 -20.05
N ASN A 329 16.57 -11.86 -21.05
CA ASN A 329 16.49 -12.72 -22.23
C ASN A 329 15.98 -14.10 -21.87
N ASN A 330 14.78 -14.15 -21.28
CA ASN A 330 14.14 -15.39 -20.86
C ASN A 330 15.03 -16.34 -20.06
N ASN A 331 16.07 -15.77 -19.44
CA ASN A 331 16.99 -16.55 -18.61
C ASN A 331 17.07 -15.86 -17.26
N GLU A 332 17.30 -16.63 -16.21
CA GLU A 332 17.42 -16.07 -14.87
C GLU A 332 18.88 -16.12 -14.42
N HIS A 333 19.39 -14.98 -13.99
CA HIS A 333 20.78 -14.90 -13.55
C HIS A 333 20.91 -14.51 -12.09
N ILE A 334 21.64 -15.33 -11.35
CA ILE A 334 21.85 -15.14 -9.93
C ILE A 334 22.65 -13.88 -9.63
N VAL A 335 22.25 -13.16 -8.59
CA VAL A 335 22.94 -11.95 -8.16
C VAL A 335 23.81 -12.30 -6.96
N GLY A 336 25.05 -11.81 -6.97
CA GLY A 336 25.93 -12.10 -5.86
C GLY A 336 27.28 -11.40 -5.95
N TYR A 337 28.18 -11.81 -5.08
CA TYR A 337 29.52 -11.25 -5.04
C TYR A 337 30.54 -12.40 -5.00
N PRO A 338 31.42 -12.45 -6.00
CA PRO A 338 32.45 -13.50 -6.09
C PRO A 338 33.60 -13.19 -5.13
N LYS A 339 34.21 -14.24 -4.57
CA LYS A 339 35.33 -14.04 -3.65
C LYS A 339 36.37 -13.14 -4.32
N ASP A 340 36.89 -12.18 -3.55
CA ASP A 340 37.88 -11.23 -4.05
C ASP A 340 37.35 -10.36 -5.16
N GLY A 341 36.02 -10.34 -5.35
CA GLY A 341 35.45 -9.52 -6.39
C GLY A 341 35.80 -8.06 -6.23
N ASN A 342 35.85 -7.32 -7.33
CA ASN A 342 36.18 -5.90 -7.28
C ASN A 342 35.23 -5.22 -6.32
N ALA A 343 35.76 -4.30 -5.53
CA ALA A 343 34.96 -3.57 -4.58
C ALA A 343 35.58 -2.21 -4.32
N PHE A 344 34.75 -1.24 -3.94
CA PHE A 344 35.21 0.10 -3.65
C PHE A 344 35.88 0.07 -2.29
N ASN A 345 37.13 0.52 -2.26
CA ASN A 345 37.94 0.56 -1.04
C ASN A 345 37.77 -0.65 -0.13
N ASN A 346 37.70 -1.83 -0.73
CA ASN A 346 37.57 -3.08 0.00
C ASN A 346 36.37 -3.18 0.95
N LEU A 347 35.46 -2.22 0.87
CA LEU A 347 34.30 -2.24 1.74
C LEU A 347 32.97 -2.38 1.03
N ASP A 348 32.78 -1.65 -0.06
CA ASP A 348 31.54 -1.73 -0.82
C ASP A 348 31.74 -2.78 -1.93
N ARG A 349 31.22 -3.99 -1.72
CA ARG A 349 31.39 -5.06 -2.70
C ARG A 349 30.41 -4.93 -3.86
N ILE A 350 30.96 -4.87 -5.07
CA ILE A 350 30.16 -4.71 -6.28
C ILE A 350 29.44 -6.00 -6.65
N LEU A 351 28.12 -5.91 -6.74
CA LEU A 351 27.31 -7.08 -7.08
C LEU A 351 27.47 -7.45 -8.55
N ARG A 352 27.40 -8.75 -8.83
CA ARG A 352 27.52 -9.26 -10.18
C ARG A 352 26.30 -10.10 -10.52
N VAL A 353 25.88 -10.04 -11.77
CA VAL A 353 24.73 -10.78 -12.23
C VAL A 353 25.16 -11.90 -13.17
N GLY A 354 24.98 -13.14 -12.75
CA GLY A 354 25.37 -14.27 -13.58
C GLY A 354 26.87 -14.47 -13.67
N TYR A 355 27.59 -14.10 -12.62
CA TYR A 355 29.04 -14.29 -12.59
C TYR A 355 29.24 -15.80 -12.67
N ASN A 356 30.22 -16.25 -13.43
CA ASN A 356 30.43 -17.69 -13.58
C ASN A 356 31.88 -18.11 -13.79
N ALA A 357 32.82 -17.32 -13.26
CA ALA A 357 34.23 -17.65 -13.40
C ALA A 357 34.51 -18.98 -12.70
N PRO A 358 35.03 -19.98 -13.42
CA PRO A 358 35.31 -21.28 -12.83
C PRO A 358 36.32 -21.24 -11.67
N GLY A 359 36.02 -21.98 -10.61
CA GLY A 359 36.91 -22.02 -9.47
C GLY A 359 36.80 -20.89 -8.47
N ILE A 360 35.97 -19.89 -8.78
CA ILE A 360 35.80 -18.75 -7.89
C ILE A 360 34.45 -18.78 -7.17
N PRO A 361 34.47 -18.88 -5.84
CA PRO A 361 33.22 -18.92 -5.07
C PRO A 361 32.37 -17.68 -5.33
N LEU A 362 31.08 -17.88 -5.49
CA LEU A 362 30.15 -16.78 -5.72
C LEU A 362 29.17 -16.76 -4.55
N TYR A 363 29.23 -15.71 -3.73
CA TYR A 363 28.35 -15.60 -2.58
C TYR A 363 26.99 -15.06 -3.00
N LYS A 364 25.93 -15.81 -2.69
CA LYS A 364 24.59 -15.44 -3.10
C LYS A 364 23.49 -15.61 -2.05
N LYS A 365 23.86 -16.08 -0.86
CA LYS A 365 22.86 -16.26 0.17
C LYS A 365 22.41 -14.92 0.75
N MET A 366 21.22 -14.50 0.37
CA MET A 366 20.66 -13.25 0.84
C MET A 366 19.55 -13.49 1.84
N GLU A 367 19.29 -12.48 2.66
CA GLU A 367 18.23 -12.53 3.65
C GLU A 367 17.33 -11.33 3.42
N ALA A 368 16.04 -11.58 3.20
CA ALA A 368 15.08 -10.52 2.96
C ALA A 368 14.50 -10.06 4.30
N VAL A 369 14.78 -8.83 4.69
CA VAL A 369 14.27 -8.32 5.97
C VAL A 369 13.68 -6.92 5.93
N LYS A 370 12.99 -6.57 7.02
CA LYS A 370 12.36 -5.27 7.19
C LYS A 370 13.01 -4.67 8.43
N LEU A 371 14.11 -3.95 8.23
CA LEU A 371 14.87 -3.36 9.34
C LEU A 371 14.57 -1.90 9.67
N ARG A 372 13.66 -1.27 8.95
CA ARG A 372 13.38 0.14 9.22
C ARG A 372 12.27 0.72 8.36
N ASP A 373 11.81 1.90 8.75
CA ASP A 373 10.75 2.61 8.04
C ASP A 373 9.54 1.69 7.86
N LEU A 374 8.87 1.40 8.97
CA LEU A 374 7.71 0.52 8.95
C LEU A 374 6.48 1.00 8.16
N LYS A 375 6.37 2.30 7.95
CA LYS A 375 5.24 2.87 7.22
C LYS A 375 5.41 2.77 5.69
N THR A 376 6.65 2.69 5.23
CA THR A 376 6.92 2.60 3.80
C THR A 376 7.06 1.14 3.35
N TYR A 377 6.52 0.84 2.17
CA TYR A 377 6.60 -0.51 1.66
C TYR A 377 7.92 -0.76 0.98
N SER A 378 8.98 -0.79 1.79
CA SER A 378 10.32 -1.00 1.30
C SER A 378 10.90 -2.24 1.92
N VAL A 379 11.99 -2.71 1.35
CA VAL A 379 12.65 -3.92 1.81
C VAL A 379 14.16 -3.75 1.79
N GLN A 380 14.84 -4.50 2.66
CA GLN A 380 16.28 -4.47 2.73
C GLN A 380 16.75 -5.89 2.44
N LEU A 381 17.93 -6.00 1.85
CA LEU A 381 18.50 -7.31 1.50
C LEU A 381 19.90 -7.40 2.06
N LYS A 382 20.17 -8.50 2.77
CA LYS A 382 21.45 -8.72 3.40
C LYS A 382 22.18 -9.89 2.72
N LEU A 383 23.45 -9.68 2.39
CA LEU A 383 24.25 -10.72 1.73
C LEU A 383 25.23 -11.38 2.69
N TYR A 384 25.39 -12.69 2.57
CA TYR A 384 26.30 -13.45 3.43
C TYR A 384 27.28 -14.24 2.57
N ASP A 385 28.44 -14.57 3.15
CA ASP A 385 29.44 -15.38 2.43
C ASP A 385 29.21 -16.84 2.83
N ASP A 386 30.04 -17.75 2.34
CA ASP A 386 29.89 -19.17 2.66
C ASP A 386 30.07 -19.50 4.14
N LYS A 387 30.59 -18.57 4.91
CA LYS A 387 30.79 -18.78 6.34
C LYS A 387 29.68 -18.12 7.11
N ASN A 388 28.65 -17.68 6.39
CA ASN A 388 27.51 -17.02 6.99
C ASN A 388 27.86 -15.70 7.69
N ALA A 389 28.88 -15.04 7.17
CA ALA A 389 29.29 -13.75 7.70
C ALA A 389 28.62 -12.72 6.81
N SER A 390 28.30 -11.56 7.38
CA SER A 390 27.63 -10.51 6.62
C SER A 390 28.52 -9.72 5.67
N LEU A 391 28.16 -9.73 4.40
CA LEU A 391 28.90 -8.99 3.39
C LEU A 391 28.26 -7.61 3.26
N GLY A 392 27.19 -7.38 4.01
CA GLY A 392 26.50 -6.09 4.01
C GLY A 392 25.10 -6.02 3.41
N LEU A 393 24.43 -4.88 3.57
CA LEU A 393 23.10 -4.69 3.00
C LEU A 393 23.29 -4.20 1.57
N VAL A 394 22.32 -4.47 0.71
CA VAL A 394 22.39 -4.05 -0.69
C VAL A 394 22.04 -2.56 -0.83
N GLY A 395 22.86 -1.84 -1.59
CA GLY A 395 22.64 -0.43 -1.82
C GLY A 395 23.45 0.02 -3.03
N THR A 396 23.90 1.27 -3.03
CA THR A 396 24.68 1.76 -4.15
C THR A 396 25.86 2.59 -3.66
N HIS A 397 26.85 2.73 -4.54
CA HIS A 397 28.02 3.51 -4.24
C HIS A 397 28.44 4.21 -5.51
N ASN A 398 28.70 5.51 -5.43
CA ASN A 398 29.08 6.28 -6.59
C ASN A 398 30.56 6.10 -6.91
N GLY A 399 30.85 5.80 -8.16
CA GLY A 399 32.23 5.59 -8.58
C GLY A 399 32.37 5.16 -10.02
N GLN A 400 33.53 4.61 -10.36
CA GLN A 400 33.80 4.15 -11.72
C GLN A 400 34.37 2.75 -11.73
N ILE A 401 34.09 2.04 -12.80
CA ILE A 401 34.62 0.70 -13.01
C ILE A 401 35.37 0.77 -14.33
N GLY A 402 36.69 0.80 -14.25
CA GLY A 402 37.50 0.87 -15.45
C GLY A 402 37.30 2.18 -16.19
N ASN A 403 37.03 2.10 -17.49
CA ASN A 403 36.82 3.29 -18.30
C ASN A 403 35.37 3.75 -18.33
N ASP A 404 34.48 3.00 -17.67
CA ASP A 404 33.07 3.38 -17.67
C ASP A 404 32.83 4.72 -16.99
N PRO A 405 31.78 5.43 -17.40
CA PRO A 405 31.46 6.72 -16.79
C PRO A 405 31.05 6.53 -15.34
N ASN A 406 31.03 7.63 -14.59
CA ASN A 406 30.65 7.61 -13.18
C ASN A 406 29.22 7.11 -13.06
N ARG A 407 28.99 6.21 -12.12
CA ARG A 407 27.65 5.64 -11.90
C ARG A 407 27.38 5.27 -10.45
N ASP A 408 26.10 5.06 -10.15
CA ASP A 408 25.70 4.63 -8.82
C ASP A 408 25.51 3.15 -8.98
N ILE A 409 26.58 2.43 -8.68
CA ILE A 409 26.67 0.98 -8.82
C ILE A 409 26.12 0.20 -7.64
N LEU A 410 25.46 -0.91 -7.94
CA LEU A 410 24.88 -1.77 -6.91
C LEU A 410 25.97 -2.48 -6.12
N ILE A 411 25.92 -2.35 -4.80
CA ILE A 411 26.90 -2.96 -3.94
C ILE A 411 26.25 -3.56 -2.69
N ALA A 412 27.07 -4.22 -1.90
CA ALA A 412 26.64 -4.79 -0.64
C ALA A 412 27.59 -4.18 0.37
N SER A 413 27.06 -3.55 1.41
CA SER A 413 27.91 -2.92 2.41
C SER A 413 27.39 -3.03 3.84
N ASN A 414 28.32 -3.28 4.77
CA ASN A 414 27.98 -3.39 6.18
C ASN A 414 27.89 -2.01 6.81
N TRP A 415 28.30 -1.01 6.05
CA TRP A 415 28.28 0.38 6.50
C TRP A 415 26.87 0.88 6.84
N TYR A 416 25.85 0.29 6.21
CA TYR A 416 24.47 0.71 6.45
C TYR A 416 23.96 0.37 7.85
N PHE A 417 24.63 -0.57 8.52
CA PHE A 417 24.22 -0.99 9.85
C PHE A 417 24.46 0.09 10.91
N ASN A 418 25.20 1.13 10.56
CA ASN A 418 25.48 2.21 11.51
C ASN A 418 24.69 3.49 11.23
N HIS A 419 23.63 3.37 10.44
CA HIS A 419 22.81 4.53 10.09
C HIS A 419 21.38 4.12 9.86
N LEU A 420 21.01 2.97 10.44
CA LEU A 420 19.67 2.43 10.29
C LEU A 420 18.60 3.34 10.88
N LYS A 421 19.01 4.48 11.45
CA LYS A 421 18.08 5.41 12.05
C LYS A 421 17.83 6.68 11.23
N ASP A 422 18.50 6.79 10.08
CA ASP A 422 18.31 7.96 9.24
C ASP A 422 16.94 7.96 8.56
N LYS A 423 16.42 9.14 8.26
CA LYS A 423 15.13 9.27 7.58
C LYS A 423 15.23 8.49 6.28
N ILE A 424 16.24 8.86 5.49
CA ILE A 424 16.51 8.23 4.21
C ILE A 424 17.83 7.50 4.39
N LEU A 425 18.02 6.37 3.71
CA LEU A 425 19.27 5.66 3.87
C LEU A 425 20.02 5.35 2.59
N GLY A 426 19.50 4.41 1.81
CA GLY A 426 20.17 4.05 0.57
C GLY A 426 20.15 2.55 0.36
N CYS A 427 19.89 1.82 1.44
CA CYS A 427 19.79 0.38 1.39
C CYS A 427 18.32 -0.04 1.38
N ASP A 428 17.42 0.93 1.20
CA ASP A 428 15.99 0.64 1.15
C ASP A 428 15.50 0.48 -0.27
N TRP A 429 14.73 -0.57 -0.54
CA TRP A 429 14.23 -0.79 -1.88
C TRP A 429 12.76 -1.13 -2.01
N TYR A 430 12.14 -0.58 -3.05
CA TYR A 430 10.74 -0.84 -3.38
C TYR A 430 10.78 -2.00 -4.38
N PHE A 431 9.90 -2.98 -4.22
CA PHE A 431 9.82 -4.08 -5.17
C PHE A 431 8.53 -3.83 -5.93
N VAL A 432 8.68 -3.46 -7.20
CA VAL A 432 7.54 -3.13 -8.03
C VAL A 432 7.14 -4.15 -9.09
N PRO A 433 5.96 -4.77 -8.91
CA PRO A 433 5.42 -5.78 -9.83
C PRO A 433 4.40 -5.12 -10.76
N THR A 434 4.44 -5.49 -12.03
CA THR A 434 3.49 -4.96 -12.99
C THR A 434 2.11 -5.15 -12.37
N ASP A 435 1.22 -4.18 -12.53
CA ASP A 435 -0.11 -4.29 -11.91
C ASP A 435 -1.14 -3.54 -12.77
N GLU A 436 -2.30 -4.15 -12.98
CA GLU A 436 -3.34 -3.54 -13.78
C GLU A 436 -3.84 -2.23 -13.16
N GLY A 437 -3.44 -1.97 -11.93
CA GLY A 437 -3.85 -0.76 -11.25
C GLY A 437 -2.98 0.41 -11.65
N TRP A 438 -1.95 0.15 -12.44
CA TRP A 438 -1.06 1.21 -12.88
C TRP A 438 -0.50 0.98 -14.28
N THR A 439 -0.87 1.86 -15.20
CA THR A 439 -0.37 1.78 -16.56
C THR A 439 0.08 3.18 -16.92
N ASN A 440 1.31 3.30 -17.44
CA ASN A 440 1.84 4.60 -17.83
C ASN A 440 1.02 5.17 -18.99
N ASP A 441 0.65 6.44 -18.90
CA ASP A 441 -0.12 7.10 -19.94
C ASP A 441 0.71 7.33 -21.20
N TYR B . 39.50 -13.56 -9.45
CA TYR B . 40.00 -12.25 -9.97
C TYR B . 38.92 -11.19 -9.89
O TYR B . 38.21 -11.08 -8.90
CB TYR B . 40.47 -12.38 -11.44
CG TYR B . 39.41 -12.82 -12.45
CD1 TYR B . 38.05 -12.48 -12.29
CD2 TYR B . 39.78 -13.51 -13.60
CE1 TYR B . 37.10 -12.83 -13.24
CE2 TYR B . 38.84 -13.86 -14.56
CZ TYR B . 37.50 -13.53 -14.38
OH TYR B . 36.58 -13.89 -15.33
N GLU C . 38.84 -10.41 -10.97
CA GLU C . 37.85 -9.35 -11.13
C GLU C . 38.33 -8.26 -12.06
O GLU C . 39.48 -7.82 -11.98
CB GLU C . 37.48 -8.74 -9.79
CG GLU C . 36.03 -9.04 -9.41
CD GLU C . 35.06 -8.37 -10.35
OE1 GLU C . 35.52 -7.59 -11.21
OE2 GLU C . 33.83 -8.61 -10.23
N TRP D . 37.45 -7.85 -12.97
CA TRP D . 37.79 -6.82 -13.93
C TRP D . 37.71 -5.48 -13.19
O TRP D . 37.21 -4.47 -13.75
CB TRP D . 36.79 -6.87 -15.10
CG TRP D . 35.49 -6.21 -14.80
CD1 TRP D . 34.82 -6.22 -13.62
CD2 TRP D . 34.74 -5.36 -15.68
NE1 TRP D . 33.70 -5.42 -13.68
CE2 TRP D . 33.63 -4.88 -14.95
CE3 TRP D . 34.90 -4.95 -17.01
CZ2 TRP D . 32.69 -4.00 -15.50
CZ3 TRP D . 33.95 -4.09 -17.56
CH2 TRP D . 32.86 -3.62 -16.80
OXT TRP D . 38.19 -5.44 -12.04
#